data_3UVU
#
_entry.id   3UVU
#
_cell.length_a   78.870
_cell.length_b   89.561
_cell.length_c   100.343
_cell.angle_alpha   90.00
_cell.angle_beta   90.00
_cell.angle_gamma   90.00
#
_symmetry.space_group_name_H-M   'P 21 21 21'
#
loop_
_entity.id
_entity.type
_entity.pdbx_description
1 polymer 'Flap endonuclease 1 (Fen1) peptide'
2 polymer 'Importin subunit alpha-2'
3 water water
#
loop_
_entity_poly.entity_id
_entity_poly.type
_entity_poly.pdbx_seq_one_letter_code
_entity_poly.pdbx_strand_id
1 'polypeptide(L)' SAKRKEPEPKGSTKKKAKT B
2 'polypeptide(L)'
;MHHHHHHSSGLVPRGSGMKETAAAKFERQHMDSPDLGTDDDDKAMADIGSNQGTVNWSVEDIVKGINSNNLESQLQATQA
ARKLLSREKQPPIDNIIRAGLIPKFVSFLGKTDCSPIQFESAWALTNIASGTSEQTKAVVDGGAIPAFISLLASPHAHIS
EQAVWALGNIAGDGSAFRDLVIKHGAIDPLLALLAVPDLSTLACGYLRNLTWTLSNLCRNKNPAPPLDAVEQILPTLVRL
LHHNDPEVLADSCWAISYLTDGPNERIEMVVKKGVVPQLVKLLGATELPIVTPALRAIGNIVTGTDEQTQKVIDAGALAV
FPSLLTNPKTNIQKEATWTMSNITAGRQDQIQQVVNHGLVPFLVGVLSKADFKTQKEAAWAITNYTSGGTVEQIVYLVHC
GIIEPLMNLLSAKDTKIIQVILDAISNIFQAAEKLGETEKLSIMIEECGGLDKIEALQRHENESVYKASLNLIEKYFSVE
EEEDQNVVPETTSEGFAFQVQDGAPGTFNF
;
A
#
# COMPACT_ATOMS: atom_id res chain seq x y z
N SER A 1 11.51 10.58 -18.05
CA SER A 1 10.35 10.14 -17.29
C SER A 1 10.26 10.88 -15.96
N ALA A 2 9.28 11.77 -15.86
CA ALA A 2 9.07 12.55 -14.64
C ALA A 2 8.33 11.75 -13.59
N LYS A 3 7.99 10.50 -13.92
CA LYS A 3 7.26 9.61 -13.00
C LYS A 3 8.05 9.37 -11.73
N ARG A 4 7.42 9.52 -10.58
CA ARG A 4 8.01 9.17 -9.34
C ARG A 4 7.32 7.92 -8.71
N LYS A 5 8.15 6.90 -8.52
CA LYS A 5 7.72 5.56 -8.27
C LYS A 5 7.97 5.12 -6.87
N GLU A 6 8.31 5.91 -5.87
CA GLU A 6 8.57 4.97 -4.73
C GLU A 6 7.79 5.24 -3.48
N PRO A 7 6.50 4.92 -3.46
CA PRO A 7 5.77 5.58 -2.38
C PRO A 7 6.12 5.00 -0.98
N GLU A 8 5.87 5.80 0.06
CA GLU A 8 5.85 5.40 1.46
C GLU A 8 5.12 4.07 1.59
N PRO A 9 5.83 3.03 2.09
CA PRO A 9 5.21 1.72 2.26
C PRO A 9 3.93 1.77 3.15
N LYS A 10 2.92 1.00 2.72
CA LYS A 10 1.59 1.06 3.30
C LYS A 10 0.92 -0.28 2.99
N GLY A 11 0.19 -0.83 3.93
CA GLY A 11 -0.54 -2.02 3.68
C GLY A 11 -1.62 -2.34 4.67
N SER A 12 -2.21 -3.49 4.48
CA SER A 12 -3.00 -4.09 5.50
C SER A 12 -2.14 -4.50 6.72
N THR A 13 -2.78 -5.10 7.71
CA THR A 13 -2.12 -5.76 8.83
C THR A 13 -1.10 -6.71 8.32
N LYS A 14 0.13 -6.63 8.83
CA LYS A 14 1.17 -7.63 8.52
C LYS A 14 0.89 -9.00 9.23
N LYS A 15 0.63 -8.95 10.53
CA LYS A 15 0.47 -10.12 11.37
C LYS A 15 -0.68 -9.87 12.31
N LYS A 16 -1.28 -10.94 12.79
CA LYS A 16 -2.59 -10.78 13.51
C LYS A 16 -2.71 -11.92 14.51
N ALA A 17 -2.88 -11.60 15.78
CA ALA A 17 -3.17 -12.66 16.78
C ALA A 17 -4.69 -12.99 16.76
N LYS A 18 -5.04 -14.23 17.08
CA LYS A 18 -6.42 -14.61 17.26
C LYS A 18 -6.83 -14.46 18.75
N THR A 19 -7.94 -13.71 18.85
CA THR A 19 -8.45 -12.90 19.98
C THR A 19 -7.47 -12.45 20.99
N GLY B 53 -10.44 -24.20 34.71
CA GLY B 53 -10.45 -25.41 33.79
C GLY B 53 -9.09 -25.44 33.09
N THR B 54 -9.07 -24.87 31.87
CA THR B 54 -7.81 -24.60 31.14
C THR B 54 -7.41 -23.09 31.21
N VAL B 55 -8.17 -22.32 32.01
CA VAL B 55 -7.92 -20.88 32.24
C VAL B 55 -6.78 -20.70 33.27
N ASN B 56 -5.81 -19.85 32.92
CA ASN B 56 -4.76 -19.40 33.85
C ASN B 56 -3.62 -20.33 34.27
N TRP B 57 -3.28 -21.36 33.49
CA TRP B 57 -2.21 -22.26 33.92
C TRP B 57 -0.85 -21.60 33.85
N SER B 58 0.09 -22.14 34.63
CA SER B 58 1.47 -21.76 34.49
C SER B 58 2.05 -22.51 33.27
N VAL B 59 3.21 -22.06 32.80
CA VAL B 59 3.86 -22.71 31.71
C VAL B 59 4.39 -24.07 32.11
N GLU B 60 4.74 -24.20 33.37
CA GLU B 60 5.29 -25.49 33.80
C GLU B 60 4.22 -26.56 33.87
N ASP B 61 2.99 -26.15 34.19
CA ASP B 61 1.85 -27.07 34.12
C ASP B 61 1.54 -27.49 32.67
N ILE B 62 1.55 -26.51 31.75
CA ILE B 62 1.37 -26.75 30.34
C ILE B 62 2.44 -27.70 29.90
N VAL B 63 3.70 -27.51 30.37
CA VAL B 63 4.79 -28.45 30.02
C VAL B 63 4.55 -29.88 30.53
N LYS B 64 4.14 -29.98 31.80
CA LYS B 64 3.82 -31.26 32.47
C LYS B 64 2.78 -32.07 31.63
N GLY B 65 1.66 -31.40 31.28
CA GLY B 65 0.62 -31.98 30.47
C GLY B 65 0.97 -32.38 29.04
N ILE B 66 1.78 -31.56 28.37
CA ILE B 66 2.20 -31.89 27.01
C ILE B 66 3.20 -33.05 27.00
N ASN B 67 3.98 -33.19 28.09
CA ASN B 67 4.84 -34.35 28.23
C ASN B 67 4.21 -35.60 28.80
N SER B 68 2.94 -35.56 29.18
CA SER B 68 2.28 -36.77 29.66
C SER B 68 2.17 -37.74 28.49
N ASN B 69 2.04 -39.00 28.76
CA ASN B 69 1.92 -39.83 27.58
C ASN B 69 0.44 -39.99 27.09
N ASN B 70 -0.41 -38.99 27.44
CA ASN B 70 -1.86 -39.06 27.36
C ASN B 70 -2.39 -37.96 26.41
N LEU B 71 -2.96 -38.37 25.27
CA LEU B 71 -3.47 -37.42 24.30
C LEU B 71 -4.47 -36.40 24.85
N GLU B 72 -5.39 -36.86 25.69
CA GLU B 72 -6.33 -35.97 26.36
C GLU B 72 -5.66 -34.94 27.29
N SER B 73 -4.69 -35.36 28.11
CA SER B 73 -3.89 -34.44 28.94
C SER B 73 -3.16 -33.41 28.06
N GLN B 74 -2.63 -33.88 26.94
CA GLN B 74 -1.94 -33.04 25.95
C GLN B 74 -2.88 -32.02 25.41
N LEU B 75 -4.07 -32.45 25.00
CA LEU B 75 -5.14 -31.58 24.55
C LEU B 75 -5.47 -30.47 25.50
N GLN B 76 -5.70 -30.82 26.78
CA GLN B 76 -6.00 -29.82 27.82
C GLN B 76 -4.86 -28.80 27.98
N ALA B 77 -3.64 -29.33 28.03
CA ALA B 77 -2.47 -28.51 28.17
C ALA B 77 -2.28 -27.53 26.94
N THR B 78 -2.52 -28.01 25.72
CA THR B 78 -2.48 -27.20 24.50
C THR B 78 -3.55 -26.09 24.52
N GLN B 79 -4.76 -26.42 24.96
CA GLN B 79 -5.74 -25.41 25.06
C GLN B 79 -5.41 -24.37 26.12
N ALA B 80 -4.92 -24.80 27.28
CA ALA B 80 -4.39 -23.89 28.24
C ALA B 80 -3.32 -22.94 27.64
N ALA B 81 -2.37 -23.50 26.88
CA ALA B 81 -1.35 -22.70 26.17
C ALA B 81 -2.01 -21.73 25.22
N ARG B 82 -3.00 -22.19 24.50
CA ARG B 82 -3.74 -21.30 23.62
C ARG B 82 -4.41 -20.14 24.35
N LYS B 83 -4.88 -20.36 25.58
CA LYS B 83 -5.63 -19.28 26.23
C LYS B 83 -4.67 -18.28 26.81
N LEU B 84 -3.51 -18.76 27.26
CA LEU B 84 -2.42 -17.84 27.61
C LEU B 84 -2.03 -16.97 26.40
N LEU B 85 -1.88 -17.63 25.23
CA LEU B 85 -1.37 -16.94 24.06
C LEU B 85 -2.38 -16.00 23.44
N SER B 86 -3.64 -16.09 23.92
CA SER B 86 -4.81 -15.27 23.44
C SER B 86 -5.12 -14.03 24.21
N ARG B 87 -4.37 -13.73 25.24
CA ARG B 87 -4.63 -12.49 25.96
C ARG B 87 -3.83 -11.29 25.36
N GLU B 88 -4.51 -10.14 25.29
CA GLU B 88 -3.93 -8.85 24.79
C GLU B 88 -2.71 -8.30 25.58
N LYS B 89 -2.77 -8.33 26.91
CA LYS B 89 -1.64 -7.81 27.69
C LYS B 89 -0.57 -8.88 27.72
N GLN B 90 0.59 -8.52 27.14
CA GLN B 90 1.80 -9.36 27.03
C GLN B 90 1.54 -10.89 27.13
N PRO B 91 1.11 -11.52 26.01
CA PRO B 91 1.05 -12.99 26.08
C PRO B 91 2.48 -13.56 26.12
N PRO B 92 2.69 -14.62 26.92
CA PRO B 92 4.05 -15.09 27.16
C PRO B 92 4.59 -15.94 26.03
N ILE B 93 4.69 -15.35 24.83
CA ILE B 93 5.22 -16.02 23.67
C ILE B 93 6.64 -16.59 23.89
N ASP B 94 7.51 -15.80 24.53
CA ASP B 94 8.91 -16.21 24.69
C ASP B 94 9.04 -17.31 25.69
N ASN B 95 8.25 -17.22 26.77
CA ASN B 95 8.12 -18.31 27.75
C ASN B 95 7.72 -19.66 27.12
N ILE B 96 6.67 -19.65 26.30
CA ILE B 96 6.28 -20.81 25.52
C ILE B 96 7.40 -21.26 24.59
N ILE B 97 8.08 -20.31 23.93
CA ILE B 97 9.15 -20.74 23.00
C ILE B 97 10.31 -21.39 23.78
N ARG B 98 10.73 -20.68 24.84
CA ARG B 98 11.79 -21.13 25.75
C ARG B 98 11.51 -22.50 26.37
N ALA B 99 10.27 -22.74 26.76
CA ALA B 99 9.88 -24.08 27.22
C ALA B 99 10.01 -25.21 26.20
N GLY B 100 10.32 -24.94 24.92
CA GLY B 100 10.42 -26.06 23.93
C GLY B 100 9.09 -26.58 23.37
N LEU B 101 8.02 -25.79 23.49
CA LEU B 101 6.70 -26.28 23.10
C LEU B 101 6.37 -26.28 21.59
N ILE B 102 7.07 -25.49 20.76
CA ILE B 102 6.72 -25.39 19.34
C ILE B 102 6.70 -26.70 18.57
N PRO B 103 7.79 -27.51 18.68
CA PRO B 103 7.87 -28.80 17.94
C PRO B 103 6.71 -29.77 18.35
N LYS B 104 6.30 -29.70 19.60
CA LYS B 104 5.19 -30.51 20.10
C LYS B 104 3.91 -30.04 19.49
N PHE B 105 3.68 -28.72 19.48
CA PHE B 105 2.51 -28.15 18.80
C PHE B 105 2.50 -28.52 17.35
N VAL B 106 3.66 -28.48 16.72
CA VAL B 106 3.71 -28.71 15.26
C VAL B 106 3.34 -30.16 15.04
N SER B 107 3.75 -31.07 15.93
CA SER B 107 3.41 -32.48 15.72
C SER B 107 1.90 -32.74 15.97
N PHE B 108 1.26 -31.89 16.76
CA PHE B 108 -0.17 -32.00 17.06
C PHE B 108 -0.98 -31.60 15.87
N LEU B 109 -0.38 -30.80 15.00
CA LEU B 109 -1.00 -30.39 13.70
C LEU B 109 -1.35 -31.60 12.87
N GLY B 110 -0.53 -32.67 12.99
CA GLY B 110 -0.69 -33.90 12.21
C GLY B 110 -1.66 -34.90 12.85
N LYS B 111 -2.23 -34.60 14.03
CA LYS B 111 -3.13 -35.58 14.63
C LYS B 111 -4.52 -35.54 14.10
N THR B 112 -4.70 -36.09 12.89
CA THR B 112 -5.99 -36.19 12.17
C THR B 112 -7.08 -36.84 13.01
N ASP B 113 -6.68 -37.84 13.78
CA ASP B 113 -7.55 -38.53 14.74
C ASP B 113 -8.03 -37.58 15.84
N CYS B 114 -7.23 -36.57 16.14
CA CYS B 114 -7.61 -35.56 17.13
C CYS B 114 -7.79 -34.20 16.46
N SER B 115 -9.03 -33.88 16.10
CA SER B 115 -9.33 -32.61 15.45
C SER B 115 -9.18 -31.43 16.46
N PRO B 116 -9.69 -31.59 17.72
CA PRO B 116 -9.52 -30.49 18.70
C PRO B 116 -8.06 -30.11 18.98
N ILE B 117 -7.15 -31.07 19.08
CA ILE B 117 -5.75 -30.73 19.31
C ILE B 117 -5.04 -30.06 18.11
N GLN B 118 -5.46 -30.44 16.91
CA GLN B 118 -5.08 -29.80 15.66
C GLN B 118 -5.44 -28.33 15.69
N PHE B 119 -6.64 -28.01 16.21
CA PHE B 119 -7.14 -26.68 16.25
C PHE B 119 -6.49 -25.83 17.33
N GLU B 120 -6.32 -26.39 18.53
CA GLU B 120 -5.69 -25.60 19.61
C GLU B 120 -4.20 -25.30 19.30
N SER B 121 -3.48 -26.30 18.75
CA SER B 121 -2.08 -26.10 18.28
C SER B 121 -1.99 -25.05 17.21
N ALA B 122 -2.91 -25.14 16.22
CA ALA B 122 -3.00 -24.17 15.11
C ALA B 122 -3.14 -22.77 15.64
N TRP B 123 -3.99 -22.64 16.62
CA TRP B 123 -4.31 -21.38 17.16
C TRP B 123 -3.11 -20.87 17.99
N ALA B 124 -2.50 -21.77 18.76
CA ALA B 124 -1.33 -21.38 19.60
C ALA B 124 -0.18 -20.96 18.69
N LEU B 125 0.11 -21.77 17.66
CA LEU B 125 1.16 -21.45 16.70
C LEU B 125 0.83 -20.15 15.94
N THR B 126 -0.47 -19.95 15.62
CA THR B 126 -0.90 -18.71 14.96
C THR B 126 -0.46 -17.50 15.73
N ASN B 127 -0.60 -17.56 17.05
CA ASN B 127 -0.40 -16.41 17.91
C ASN B 127 1.05 -16.13 18.14
N ILE B 128 1.83 -17.20 18.32
CA ILE B 128 3.28 -17.11 18.28
C ILE B 128 3.81 -16.48 16.99
N ALA B 129 3.43 -17.05 15.85
CA ALA B 129 3.83 -16.50 14.51
C ALA B 129 3.38 -15.04 14.33
N SER B 130 2.38 -14.61 15.09
CA SER B 130 1.93 -13.27 15.02
C SER B 130 2.90 -12.27 15.68
N GLY B 131 4.00 -12.72 16.28
CA GLY B 131 4.83 -11.83 17.08
C GLY B 131 5.92 -11.17 16.25
N THR B 132 7.12 -11.06 16.86
CA THR B 132 8.28 -10.52 16.18
C THR B 132 8.81 -11.49 15.11
N SER B 133 9.66 -10.99 14.22
CA SER B 133 10.40 -11.92 13.33
C SER B 133 11.01 -13.12 14.02
N GLU B 134 11.63 -12.91 15.16
CA GLU B 134 12.24 -14.00 15.90
C GLU B 134 11.18 -15.08 16.34
N GLN B 135 9.98 -14.63 16.74
CA GLN B 135 8.89 -15.49 17.17
C GLN B 135 8.30 -16.31 15.98
N THR B 136 8.02 -15.60 14.87
CA THR B 136 7.65 -16.24 13.59
C THR B 136 8.72 -17.18 13.11
N LYS B 137 9.99 -16.82 13.26
CA LYS B 137 11.05 -17.68 12.78
C LYS B 137 11.02 -18.98 13.60
N ALA B 138 10.76 -18.86 14.91
CA ALA B 138 10.70 -20.10 15.73
C ALA B 138 9.61 -21.09 15.23
N VAL B 139 8.48 -20.55 14.76
CA VAL B 139 7.41 -21.37 14.25
C VAL B 139 7.84 -22.08 12.97
N VAL B 140 8.39 -21.30 12.06
CA VAL B 140 8.93 -21.84 10.84
C VAL B 140 10.04 -22.90 11.12
N ASP B 141 10.97 -22.60 12.01
CA ASP B 141 12.01 -23.58 12.36
C ASP B 141 11.45 -24.84 12.96
N GLY B 142 10.27 -24.77 13.58
CA GLY B 142 9.56 -25.95 14.09
C GLY B 142 8.97 -26.84 12.99
N GLY B 143 9.07 -26.45 11.72
CA GLY B 143 8.54 -27.26 10.63
C GLY B 143 7.07 -26.98 10.35
N ALA B 144 6.55 -25.85 10.82
CA ALA B 144 5.13 -25.59 10.79
C ALA B 144 4.61 -25.32 9.40
N ILE B 145 5.45 -24.90 8.45
CA ILE B 145 4.89 -24.56 7.12
C ILE B 145 4.20 -25.75 6.40
N PRO B 146 4.95 -26.88 6.18
CA PRO B 146 4.27 -27.97 5.49
C PRO B 146 3.05 -28.46 6.22
N ALA B 147 3.13 -28.48 7.53
CA ALA B 147 2.08 -28.99 8.44
C ALA B 147 0.82 -28.15 8.32
N PHE B 148 0.97 -26.83 8.31
CA PHE B 148 -0.16 -25.93 8.03
C PHE B 148 -0.67 -26.03 6.62
N ILE B 149 0.23 -26.33 5.67
CA ILE B 149 -0.23 -26.51 4.29
C ILE B 149 -1.10 -27.76 4.17
N SER B 150 -0.76 -28.79 4.93
CA SER B 150 -1.51 -30.04 4.94
C SER B 150 -2.89 -29.83 5.54
N LEU B 151 -2.98 -28.96 6.55
CA LEU B 151 -4.23 -28.68 7.21
C LEU B 151 -5.18 -27.84 6.39
N LEU B 152 -4.70 -27.22 5.33
CA LEU B 152 -5.59 -26.51 4.44
C LEU B 152 -6.66 -27.45 3.88
N ALA B 153 -6.29 -28.74 3.72
CA ALA B 153 -7.20 -29.79 3.24
C ALA B 153 -8.15 -30.37 4.31
N SER B 154 -7.98 -30.01 5.57
CA SER B 154 -8.88 -30.48 6.62
C SER B 154 -10.37 -30.40 6.23
N PRO B 155 -11.15 -31.43 6.62
CA PRO B 155 -12.60 -31.38 6.43
C PRO B 155 -13.28 -30.43 7.41
N HIS B 156 -12.56 -29.97 8.43
CA HIS B 156 -13.09 -29.05 9.42
C HIS B 156 -12.72 -27.62 9.00
N ALA B 157 -13.73 -26.79 8.79
CA ALA B 157 -13.51 -25.48 8.17
C ALA B 157 -12.78 -24.55 9.15
N HIS B 158 -13.08 -24.72 10.43
CA HIS B 158 -12.45 -23.93 11.47
C HIS B 158 -10.96 -24.29 11.55
N ILE B 159 -10.59 -25.51 11.20
CA ILE B 159 -9.16 -25.91 11.28
C ILE B 159 -8.39 -25.41 10.06
N SER B 160 -8.98 -25.63 8.89
CA SER B 160 -8.54 -25.15 7.62
C SER B 160 -8.35 -23.61 7.65
N GLU B 161 -9.28 -22.89 8.28
CA GLU B 161 -9.18 -21.46 8.38
C GLU B 161 -8.04 -21.00 9.32
N GLN B 162 -7.81 -21.77 10.38
CA GLN B 162 -6.75 -21.47 11.29
C GLN B 162 -5.36 -21.61 10.59
N ALA B 163 -5.19 -22.64 9.77
CA ALA B 163 -4.03 -22.90 8.91
C ALA B 163 -3.82 -21.74 7.92
N VAL B 164 -4.88 -21.29 7.28
CA VAL B 164 -4.84 -20.09 6.45
C VAL B 164 -4.31 -18.87 7.21
N TRP B 165 -4.89 -18.66 8.39
CA TRP B 165 -4.50 -17.53 9.28
C TRP B 165 -3.00 -17.60 9.66
N ALA B 166 -2.52 -18.78 10.07
CA ALA B 166 -1.12 -18.97 10.44
C ALA B 166 -0.15 -18.68 9.25
N LEU B 167 -0.48 -19.20 8.09
CA LEU B 167 0.29 -18.96 6.87
C LEU B 167 0.36 -17.46 6.48
N GLY B 168 -0.76 -16.72 6.66
CA GLY B 168 -0.83 -15.27 6.57
C GLY B 168 0.20 -14.60 7.44
N ASN B 169 0.28 -15.01 8.69
CA ASN B 169 1.23 -14.43 9.64
C ASN B 169 2.69 -14.71 9.28
N ILE B 170 2.94 -15.93 8.80
CA ILE B 170 4.27 -16.33 8.32
C ILE B 170 4.69 -15.55 7.04
N ALA B 171 3.78 -15.42 6.09
CA ALA B 171 4.11 -14.70 4.87
C ALA B 171 4.23 -13.19 5.21
N GLY B 172 3.42 -12.73 6.16
CA GLY B 172 3.45 -11.34 6.58
C GLY B 172 4.77 -10.90 7.21
N ASP B 173 5.65 -11.87 7.49
CA ASP B 173 6.91 -11.51 8.07
C ASP B 173 7.82 -10.85 7.01
N GLY B 174 7.67 -11.17 5.73
CA GLY B 174 8.58 -10.57 4.80
C GLY B 174 8.76 -11.51 3.64
N SER B 175 9.54 -11.01 2.67
CA SER B 175 9.99 -11.67 1.47
C SER B 175 10.37 -13.12 1.56
N ALA B 176 11.32 -13.44 2.45
CA ALA B 176 11.91 -14.78 2.55
C ALA B 176 10.85 -15.80 2.99
N PHE B 177 10.13 -15.48 4.07
CA PHE B 177 9.02 -16.40 4.47
C PHE B 177 7.87 -16.46 3.47
N ARG B 178 7.49 -15.31 2.85
CA ARG B 178 6.49 -15.33 1.81
C ARG B 178 6.95 -16.36 0.80
N ASP B 179 8.19 -16.22 0.34
CA ASP B 179 8.72 -17.07 -0.73
C ASP B 179 8.84 -18.51 -0.28
N LEU B 180 9.12 -18.70 1.01
CA LEU B 180 9.24 -20.05 1.59
C LEU B 180 7.89 -20.77 1.65
N VAL B 181 6.85 -20.02 2.02
CA VAL B 181 5.47 -20.51 1.95
C VAL B 181 5.09 -20.94 0.53
N ILE B 182 5.39 -20.09 -0.46
CA ILE B 182 5.09 -20.40 -1.85
C ILE B 182 5.86 -21.68 -2.32
N LYS B 183 7.11 -21.87 -1.91
CA LYS B 183 7.88 -23.06 -2.36
C LYS B 183 7.31 -24.34 -1.77
N HIS B 184 6.82 -24.25 -0.53
CA HIS B 184 6.14 -25.36 0.10
C HIS B 184 4.88 -25.76 -0.66
N GLY B 185 4.40 -24.89 -1.54
CA GLY B 185 3.18 -25.20 -2.29
C GLY B 185 1.89 -24.72 -1.65
N ALA B 186 1.90 -23.61 -0.89
CA ALA B 186 0.62 -23.06 -0.32
C ALA B 186 -0.42 -22.60 -1.31
N ILE B 187 0.01 -22.03 -2.43
CA ILE B 187 -0.88 -21.28 -3.30
C ILE B 187 -2.03 -22.13 -3.85
N ASP B 188 -1.71 -23.30 -4.38
CA ASP B 188 -2.72 -24.18 -4.99
C ASP B 188 -3.84 -24.52 -4.07
N PRO B 189 -3.53 -25.08 -2.86
CA PRO B 189 -4.63 -25.33 -1.88
C PRO B 189 -5.30 -24.08 -1.31
N LEU B 190 -4.59 -22.98 -1.21
CA LEU B 190 -5.27 -21.75 -0.88
C LEU B 190 -6.32 -21.44 -1.95
N LEU B 191 -5.94 -21.50 -3.22
CA LEU B 191 -6.86 -21.10 -4.30
C LEU B 191 -7.98 -22.10 -4.46
N ALA B 192 -7.76 -23.35 -4.05
CA ALA B 192 -8.72 -24.38 -4.30
C ALA B 192 -9.83 -24.11 -3.31
N LEU B 193 -9.49 -23.57 -2.12
CA LEU B 193 -10.53 -23.11 -1.16
C LEU B 193 -11.49 -22.04 -1.68
N LEU B 194 -11.05 -21.29 -2.70
CA LEU B 194 -11.89 -20.23 -3.25
C LEU B 194 -12.57 -20.65 -4.56
N ALA B 195 -12.38 -21.91 -4.97
CA ALA B 195 -12.91 -22.43 -6.25
C ALA B 195 -14.36 -22.82 -6.06
N VAL B 196 -15.23 -21.84 -5.86
CA VAL B 196 -16.63 -22.11 -5.65
C VAL B 196 -17.37 -21.26 -6.65
N PRO B 197 -18.60 -21.70 -7.06
CA PRO B 197 -19.37 -20.90 -8.04
C PRO B 197 -19.69 -19.51 -7.52
N ASP B 198 -19.96 -19.39 -6.21
CA ASP B 198 -20.34 -18.11 -5.63
C ASP B 198 -19.67 -17.92 -4.27
N LEU B 199 -18.86 -16.87 -4.16
CA LEU B 199 -18.05 -16.59 -2.98
C LEU B 199 -18.95 -16.35 -1.81
N SER B 200 -20.15 -15.86 -2.08
CA SER B 200 -21.12 -15.59 -1.03
C SER B 200 -21.56 -16.78 -0.19
N THR B 201 -21.26 -18.02 -0.60
CA THR B 201 -21.69 -19.14 0.16
C THR B 201 -20.61 -19.55 1.18
N LEU B 202 -19.44 -18.92 1.13
CA LEU B 202 -18.37 -19.18 2.11
C LEU B 202 -18.68 -18.36 3.35
N ALA B 203 -18.28 -18.85 4.52
CA ALA B 203 -18.44 -18.05 5.74
C ALA B 203 -17.64 -16.79 5.55
N CYS B 204 -18.15 -15.70 6.04
CA CYS B 204 -17.56 -14.45 5.74
C CYS B 204 -16.16 -14.26 6.41
N GLY B 205 -15.98 -14.73 7.64
CA GLY B 205 -14.72 -14.54 8.36
C GLY B 205 -13.64 -15.34 7.69
N TYR B 206 -14.06 -16.50 7.20
CA TYR B 206 -13.25 -17.43 6.46
C TYR B 206 -12.76 -16.82 5.13
N LEU B 207 -13.70 -16.24 4.37
CA LEU B 207 -13.36 -15.55 3.13
C LEU B 207 -12.39 -14.39 3.36
N ARG B 208 -12.63 -13.62 4.39
CA ARG B 208 -11.73 -12.56 4.80
C ARG B 208 -10.29 -13.00 5.15
N ASN B 209 -10.16 -14.14 5.82
CA ASN B 209 -8.88 -14.66 6.16
C ASN B 209 -8.14 -15.15 4.90
N LEU B 210 -8.84 -15.82 4.02
CA LEU B 210 -8.28 -16.24 2.72
C LEU B 210 -7.76 -15.07 1.94
N THR B 211 -8.58 -14.03 1.91
CA THR B 211 -8.25 -12.84 1.09
C THR B 211 -6.98 -12.16 1.68
N TRP B 212 -6.97 -11.96 3.00
CA TRP B 212 -5.87 -11.33 3.69
C TRP B 212 -4.58 -12.15 3.51
N THR B 213 -4.66 -13.46 3.69
CA THR B 213 -3.48 -14.30 3.51
C THR B 213 -2.95 -14.18 2.05
N LEU B 214 -3.83 -14.21 1.06
CA LEU B 214 -3.40 -14.18 -0.33
C LEU B 214 -2.78 -12.88 -0.58
N SER B 215 -3.29 -11.86 0.10
CA SER B 215 -2.69 -10.53 0.00
C SER B 215 -1.29 -10.47 0.61
N ASN B 216 -1.02 -11.23 1.67
CA ASN B 216 0.35 -11.21 2.17
C ASN B 216 1.32 -11.98 1.26
N LEU B 217 0.79 -12.96 0.55
CA LEU B 217 1.56 -13.65 -0.47
C LEU B 217 1.84 -12.75 -1.67
N CYS B 218 1.15 -11.62 -1.79
CA CYS B 218 1.46 -10.63 -2.88
C CYS B 218 2.36 -9.45 -2.49
N ARG B 219 2.69 -9.42 -1.21
CA ARG B 219 3.25 -8.26 -0.58
C ARG B 219 4.76 -8.37 -0.54
N ASN B 220 5.38 -7.21 -0.43
CA ASN B 220 6.78 -7.01 -0.22
C ASN B 220 7.55 -6.99 -1.51
N LYS B 221 8.68 -6.29 -1.48
CA LYS B 221 9.26 -5.83 -2.72
C LYS B 221 10.69 -6.23 -2.99
N ASN B 222 11.45 -6.62 -1.96
CA ASN B 222 12.90 -6.89 -2.31
C ASN B 222 13.35 -8.34 -1.98
N PRO B 223 13.04 -9.30 -2.86
CA PRO B 223 12.42 -9.21 -4.19
C PRO B 223 10.87 -9.21 -4.11
N ALA B 224 10.24 -8.87 -5.21
CA ALA B 224 8.80 -8.95 -5.38
C ALA B 224 8.43 -10.47 -5.48
N PRO B 225 7.13 -10.85 -5.29
CA PRO B 225 6.93 -12.33 -5.35
C PRO B 225 7.25 -12.90 -6.69
N PRO B 226 7.43 -14.22 -6.77
CA PRO B 226 7.74 -14.84 -8.09
C PRO B 226 6.70 -14.51 -9.12
N LEU B 227 7.15 -14.15 -10.33
CA LEU B 227 6.25 -13.87 -11.45
C LEU B 227 5.18 -14.93 -11.64
N ASP B 228 5.55 -16.19 -11.56
CA ASP B 228 4.58 -17.23 -11.82
C ASP B 228 3.60 -17.44 -10.69
N ALA B 229 3.99 -17.14 -9.46
CA ALA B 229 3.03 -17.13 -8.34
C ALA B 229 2.00 -16.00 -8.53
N VAL B 230 2.46 -14.84 -9.00
CA VAL B 230 1.59 -13.68 -9.21
C VAL B 230 0.55 -14.05 -10.31
N GLU B 231 1.03 -14.68 -11.38
CA GLU B 231 0.14 -15.12 -12.45
C GLU B 231 -0.92 -16.11 -12.02
N GLN B 232 -0.55 -16.97 -11.11
CA GLN B 232 -1.45 -17.98 -10.60
C GLN B 232 -2.55 -17.36 -9.70
N ILE B 233 -2.15 -16.40 -8.88
CA ILE B 233 -3.06 -15.80 -7.91
C ILE B 233 -4.01 -14.75 -8.55
N LEU B 234 -3.50 -14.02 -9.54
CA LEU B 234 -4.27 -12.87 -10.12
C LEU B 234 -5.75 -13.14 -10.52
N PRO B 235 -6.04 -14.17 -11.31
CA PRO B 235 -7.45 -14.50 -11.63
C PRO B 235 -8.41 -14.53 -10.43
N THR B 236 -8.01 -15.20 -9.33
CA THR B 236 -8.77 -15.25 -8.07
C THR B 236 -8.82 -13.88 -7.42
N LEU B 237 -7.75 -13.13 -7.50
CA LEU B 237 -7.76 -11.81 -6.91
C LEU B 237 -8.75 -10.90 -7.66
N VAL B 238 -8.82 -11.03 -9.00
CA VAL B 238 -9.77 -10.27 -9.80
C VAL B 238 -11.24 -10.58 -9.35
N ARG B 239 -11.51 -11.86 -9.08
CA ARG B 239 -12.79 -12.26 -8.58
C ARG B 239 -13.11 -11.65 -7.23
N LEU B 240 -12.14 -11.58 -6.33
CA LEU B 240 -12.41 -11.12 -4.97
C LEU B 240 -12.70 -9.62 -4.98
N LEU B 241 -12.13 -8.96 -5.98
CA LEU B 241 -12.28 -7.54 -6.17
C LEU B 241 -13.72 -7.19 -6.61
N HIS B 242 -14.51 -8.20 -6.98
CA HIS B 242 -15.89 -7.95 -7.30
C HIS B 242 -16.80 -8.47 -6.23
N HIS B 243 -16.25 -8.88 -5.09
CA HIS B 243 -17.05 -9.43 -4.05
C HIS B 243 -17.64 -8.29 -3.24
N ASN B 244 -18.76 -8.46 -2.60
CA ASN B 244 -19.44 -7.30 -2.01
C ASN B 244 -19.04 -7.04 -0.51
N ASP B 245 -18.15 -7.80 0.09
CA ASP B 245 -17.78 -7.50 1.49
C ASP B 245 -16.70 -6.42 1.60
N PRO B 246 -16.89 -5.43 2.46
CA PRO B 246 -15.86 -4.36 2.56
C PRO B 246 -14.42 -4.79 2.94
N GLU B 247 -14.23 -5.68 3.90
CA GLU B 247 -12.92 -6.18 4.19
C GLU B 247 -12.26 -6.98 3.05
N VAL B 248 -13.03 -7.81 2.36
CA VAL B 248 -12.55 -8.57 1.22
C VAL B 248 -12.14 -7.56 0.15
N LEU B 249 -12.96 -6.53 -0.05
CA LEU B 249 -12.58 -5.53 -1.05
C LEU B 249 -11.33 -4.74 -0.65
N ALA B 250 -11.26 -4.28 0.60
CA ALA B 250 -10.11 -3.58 1.10
C ALA B 250 -8.84 -4.42 0.88
N ASP B 251 -8.85 -5.69 1.28
CA ASP B 251 -7.62 -6.50 1.22
C ASP B 251 -7.30 -6.94 -0.17
N SER B 252 -8.31 -7.12 -1.04
CA SER B 252 -8.05 -7.27 -2.50
C SER B 252 -7.38 -5.98 -3.11
N CYS B 253 -7.87 -4.79 -2.74
CA CYS B 253 -7.20 -3.58 -3.22
C CYS B 253 -5.76 -3.51 -2.71
N TRP B 254 -5.54 -3.86 -1.44
CA TRP B 254 -4.18 -3.92 -0.91
C TRP B 254 -3.28 -4.84 -1.76
N ALA B 255 -3.75 -6.06 -2.03
CA ALA B 255 -3.00 -7.03 -2.84
C ALA B 255 -2.62 -6.37 -4.20
N ILE B 256 -3.63 -5.80 -4.90
CA ILE B 256 -3.37 -5.11 -6.23
C ILE B 256 -2.38 -3.95 -6.03
N SER B 257 -2.49 -3.24 -4.92
CA SER B 257 -1.52 -2.21 -4.66
C SER B 257 -0.09 -2.71 -4.50
N TYR B 258 0.08 -3.87 -3.87
CA TYR B 258 1.40 -4.48 -3.74
C TYR B 258 1.93 -4.88 -5.13
N LEU B 259 1.08 -5.46 -5.95
CA LEU B 259 1.45 -6.00 -7.22
C LEU B 259 1.72 -4.87 -8.25
N THR B 260 1.22 -3.66 -8.04
CA THR B 260 1.47 -2.56 -8.98
C THR B 260 2.62 -1.67 -8.47
N ASP B 261 3.22 -2.04 -7.34
CA ASP B 261 4.30 -1.25 -6.80
C ASP B 261 5.68 -1.77 -7.29
N GLY B 262 6.18 -1.22 -8.38
CA GLY B 262 7.53 -1.56 -8.87
C GLY B 262 7.63 -1.33 -10.38
N PRO B 263 8.37 -2.22 -11.08
CA PRO B 263 8.66 -2.06 -12.51
C PRO B 263 7.40 -2.15 -13.37
N ASN B 264 7.42 -1.47 -14.52
CA ASN B 264 6.23 -1.42 -15.33
C ASN B 264 5.77 -2.74 -15.85
N GLU B 265 6.67 -3.74 -15.89
CA GLU B 265 6.26 -5.11 -16.26
C GLU B 265 5.27 -5.69 -15.27
N ARG B 266 5.45 -5.37 -13.98
CA ARG B 266 4.53 -5.81 -12.95
C ARG B 266 3.19 -5.07 -13.02
N ILE B 267 3.21 -3.75 -13.25
CA ILE B 267 1.96 -3.01 -13.53
C ILE B 267 1.18 -3.70 -14.68
N GLU B 268 1.92 -3.97 -15.77
CA GLU B 268 1.33 -4.56 -16.98
C GLU B 268 0.51 -5.82 -16.71
N MET B 269 1.09 -6.78 -16.01
CA MET B 269 0.36 -8.01 -15.69
C MET B 269 -0.92 -7.79 -14.92
N VAL B 270 -0.98 -6.73 -14.12
CA VAL B 270 -2.24 -6.38 -13.43
C VAL B 270 -3.25 -5.71 -14.37
N VAL B 271 -2.79 -4.68 -15.06
CA VAL B 271 -3.63 -3.87 -15.95
C VAL B 271 -4.24 -4.77 -17.03
N LYS B 272 -3.43 -5.74 -17.49
CA LYS B 272 -3.89 -6.76 -18.46
C LYS B 272 -5.08 -7.57 -18.05
N LYS B 273 -5.32 -7.70 -16.74
CA LYS B 273 -6.48 -8.44 -16.25
C LYS B 273 -7.75 -7.57 -16.29
N GLY B 274 -7.57 -6.28 -16.59
CA GLY B 274 -8.70 -5.40 -16.91
C GLY B 274 -9.38 -4.90 -15.65
N VAL B 275 -8.59 -4.80 -14.56
CA VAL B 275 -9.10 -4.40 -13.21
C VAL B 275 -9.31 -2.90 -13.00
N VAL B 276 -8.70 -2.08 -13.86
CA VAL B 276 -8.67 -0.63 -13.66
C VAL B 276 -10.09 -0.01 -13.46
N PRO B 277 -11.07 -0.35 -14.33
CA PRO B 277 -12.43 0.13 -14.05
C PRO B 277 -12.98 -0.24 -12.65
N GLN B 278 -12.70 -1.43 -12.17
CA GLN B 278 -13.21 -1.88 -10.88
C GLN B 278 -12.46 -1.14 -9.79
N LEU B 279 -11.16 -0.94 -10.00
CA LEU B 279 -10.40 -0.05 -9.12
C LEU B 279 -10.96 1.36 -8.98
N VAL B 280 -11.35 1.90 -10.13
CA VAL B 280 -11.80 3.28 -10.17
C VAL B 280 -13.16 3.33 -9.47
N LYS B 281 -13.97 2.30 -9.67
CA LYS B 281 -15.26 2.23 -8.99
C LYS B 281 -15.05 2.22 -7.46
N LEU B 282 -14.05 1.45 -6.99
CA LEU B 282 -13.77 1.33 -5.56
C LEU B 282 -13.19 2.62 -5.04
N LEU B 283 -12.63 3.42 -5.93
CA LEU B 283 -12.00 4.64 -5.55
C LEU B 283 -13.09 5.62 -5.17
N GLY B 284 -14.27 5.44 -5.78
CA GLY B 284 -15.46 6.17 -5.39
C GLY B 284 -16.14 5.59 -4.17
N ALA B 285 -15.62 4.57 -3.51
CA ALA B 285 -16.39 3.98 -2.34
C ALA B 285 -16.57 4.93 -1.11
N THR B 286 -17.58 4.67 -0.28
CA THR B 286 -17.75 5.55 0.85
C THR B 286 -16.81 5.11 1.99
N GLU B 287 -16.39 3.84 2.02
CA GLU B 287 -15.50 3.34 3.08
C GLU B 287 -14.03 3.72 2.92
N LEU B 288 -13.54 4.49 3.86
CA LEU B 288 -12.14 4.92 3.81
C LEU B 288 -11.12 3.74 3.68
N PRO B 289 -11.35 2.60 4.38
CA PRO B 289 -10.53 1.37 4.20
C PRO B 289 -10.51 0.76 2.80
N ILE B 290 -11.46 1.11 1.96
CA ILE B 290 -11.45 0.68 0.59
C ILE B 290 -10.81 1.73 -0.31
N VAL B 291 -11.08 3.03 -0.06
CA VAL B 291 -10.53 4.10 -0.85
C VAL B 291 -9.01 4.17 -0.71
N THR B 292 -8.48 3.96 0.51
CA THR B 292 -7.06 4.08 0.73
C THR B 292 -6.27 3.11 -0.17
N PRO B 293 -6.51 1.77 -0.08
CA PRO B 293 -5.80 0.89 -1.03
C PRO B 293 -6.22 1.04 -2.51
N ALA B 294 -7.48 1.41 -2.81
CA ALA B 294 -7.83 1.62 -4.23
C ALA B 294 -7.02 2.79 -4.79
N LEU B 295 -6.82 3.81 -3.98
CA LEU B 295 -6.06 4.99 -4.41
C LEU B 295 -4.58 4.68 -4.53
N ARG B 296 -4.01 3.95 -3.56
CA ARG B 296 -2.61 3.56 -3.67
C ARG B 296 -2.41 2.80 -4.96
N ALA B 297 -3.34 1.92 -5.37
CA ALA B 297 -3.13 1.03 -6.51
C ALA B 297 -3.23 1.88 -7.77
N ILE B 298 -4.22 2.77 -7.80
CA ILE B 298 -4.39 3.67 -8.95
C ILE B 298 -3.16 4.54 -9.11
N GLY B 299 -2.65 5.07 -7.98
CA GLY B 299 -1.44 5.85 -7.96
C GLY B 299 -0.24 5.06 -8.43
N ASN B 300 -0.16 3.75 -8.10
CA ASN B 300 0.98 2.94 -8.57
C ASN B 300 0.90 2.73 -10.05
N ILE B 301 -0.31 2.63 -10.56
CA ILE B 301 -0.44 2.39 -12.01
C ILE B 301 0.00 3.60 -12.86
N VAL B 302 -0.27 4.82 -12.36
CA VAL B 302 0.03 6.02 -13.13
C VAL B 302 1.50 6.39 -13.01
N THR B 303 2.29 5.68 -12.20
CA THR B 303 3.75 5.79 -12.25
C THR B 303 4.29 4.98 -13.46
N GLY B 304 3.41 4.27 -14.19
CA GLY B 304 3.85 3.35 -15.26
C GLY B 304 3.95 4.07 -16.59
N THR B 305 3.78 3.35 -17.69
CA THR B 305 3.94 3.96 -18.99
C THR B 305 2.76 4.91 -19.26
N ASP B 306 2.89 5.74 -20.30
CA ASP B 306 1.82 6.59 -20.77
C ASP B 306 0.56 5.81 -21.11
N GLU B 307 0.72 4.62 -21.63
CA GLU B 307 -0.41 3.81 -22.06
C GLU B 307 -1.15 3.24 -20.83
N GLN B 308 -0.36 2.80 -19.83
CA GLN B 308 -0.87 2.32 -18.53
C GLN B 308 -1.63 3.42 -17.79
N THR B 309 -0.97 4.60 -17.63
CA THR B 309 -1.63 5.84 -17.18
C THR B 309 -2.97 6.15 -17.89
N GLN B 310 -2.97 6.10 -19.23
CA GLN B 310 -4.17 6.42 -20.04
C GLN B 310 -5.35 5.54 -19.66
N LYS B 311 -5.06 4.29 -19.34
CA LYS B 311 -6.09 3.37 -18.85
C LYS B 311 -6.86 3.82 -17.59
N VAL B 312 -6.19 4.49 -16.63
CA VAL B 312 -6.95 4.98 -15.51
C VAL B 312 -7.77 6.24 -15.92
N ILE B 313 -7.21 7.05 -16.81
CA ILE B 313 -7.95 8.15 -17.36
C ILE B 313 -9.19 7.67 -18.13
N ASP B 314 -9.03 6.73 -19.05
CA ASP B 314 -10.17 6.15 -19.79
C ASP B 314 -11.21 5.54 -18.90
N ALA B 315 -10.79 5.02 -17.72
CA ALA B 315 -11.70 4.44 -16.70
C ALA B 315 -12.59 5.46 -15.96
N GLY B 316 -12.34 6.75 -16.12
CA GLY B 316 -13.12 7.80 -15.46
C GLY B 316 -12.46 8.30 -14.16
N ALA B 317 -11.21 7.91 -13.88
CA ALA B 317 -10.64 8.19 -12.57
C ALA B 317 -10.69 9.68 -12.22
N LEU B 318 -10.44 10.55 -13.18
CA LEU B 318 -10.25 11.95 -12.81
C LEU B 318 -11.52 12.61 -12.30
N ALA B 319 -12.69 12.03 -12.59
CA ALA B 319 -13.97 12.57 -12.03
C ALA B 319 -14.06 12.46 -10.51
N VAL B 320 -13.27 11.57 -9.90
CA VAL B 320 -13.33 11.37 -8.45
C VAL B 320 -12.40 12.33 -7.73
N PHE B 321 -11.48 12.92 -8.46
CA PHE B 321 -10.47 13.72 -7.82
C PHE B 321 -10.85 15.04 -7.19
N PRO B 322 -11.89 15.75 -7.70
CA PRO B 322 -12.36 16.92 -6.86
C PRO B 322 -12.61 16.52 -5.43
N SER B 323 -13.18 15.36 -5.20
CA SER B 323 -13.37 15.08 -3.78
C SER B 323 -12.17 14.47 -3.08
N LEU B 324 -11.42 13.58 -3.77
CA LEU B 324 -10.12 13.11 -3.23
C LEU B 324 -9.17 14.25 -2.86
N LEU B 325 -9.09 15.27 -3.71
CA LEU B 325 -8.19 16.42 -3.46
C LEU B 325 -8.64 17.35 -2.36
N THR B 326 -9.89 17.21 -1.91
CA THR B 326 -10.40 17.98 -0.79
C THR B 326 -10.84 17.06 0.37
N ASN B 327 -10.45 15.77 0.29
CA ASN B 327 -10.75 14.86 1.34
C ASN B 327 -10.24 15.34 2.69
N PRO B 328 -11.11 15.25 3.70
CA PRO B 328 -10.78 15.63 5.06
C PRO B 328 -9.72 14.73 5.72
N LYS B 329 -9.53 13.50 5.23
CA LYS B 329 -8.45 12.63 5.66
C LYS B 329 -7.14 13.11 5.00
N THR B 330 -6.21 13.60 5.81
CA THR B 330 -5.04 14.22 5.23
C THR B 330 -4.18 13.23 4.39
N ASN B 331 -4.21 11.95 4.74
CA ASN B 331 -3.51 10.96 3.94
C ASN B 331 -4.10 10.67 2.53
N ILE B 332 -5.42 10.79 2.37
CA ILE B 332 -6.04 10.61 1.03
C ILE B 332 -5.68 11.80 0.08
N GLN B 333 -5.55 12.99 0.68
CA GLN B 333 -5.14 14.19 -0.07
C GLN B 333 -3.70 14.09 -0.53
N LYS B 334 -2.83 13.65 0.36
CA LYS B 334 -1.45 13.47 0.04
C LYS B 334 -1.30 12.54 -1.16
N GLU B 335 -1.96 11.38 -1.06
CA GLU B 335 -1.87 10.29 -2.05
C GLU B 335 -2.50 10.65 -3.37
N ALA B 336 -3.61 11.40 -3.28
CA ALA B 336 -4.30 11.87 -4.46
C ALA B 336 -3.43 12.93 -5.19
N THR B 337 -2.77 13.79 -4.44
CA THR B 337 -1.90 14.79 -5.04
C THR B 337 -0.66 14.16 -5.70
N TRP B 338 -0.10 13.14 -5.08
CA TRP B 338 1.05 12.39 -5.61
C TRP B 338 0.60 11.77 -6.89
N THR B 339 -0.56 11.17 -6.85
CA THR B 339 -1.18 10.61 -8.07
C THR B 339 -1.33 11.61 -9.23
N MET B 340 -1.90 12.78 -8.92
CA MET B 340 -2.00 13.90 -9.87
C MET B 340 -0.65 14.27 -10.44
N SER B 341 0.37 14.41 -9.59
CA SER B 341 1.77 14.61 -10.04
C SER B 341 2.29 13.62 -11.10
N ASN B 342 1.95 12.33 -11.02
CA ASN B 342 2.40 11.38 -12.04
C ASN B 342 1.57 11.45 -13.27
N ILE B 343 0.34 11.96 -13.18
CA ILE B 343 -0.49 12.18 -14.36
C ILE B 343 -0.04 13.47 -15.01
N THR B 344 0.32 14.46 -14.24
CA THR B 344 0.83 15.65 -14.91
C THR B 344 2.21 15.40 -15.54
N ALA B 345 2.89 14.33 -15.12
CA ALA B 345 4.15 13.91 -15.74
C ALA B 345 3.85 13.11 -17.01
N GLY B 346 2.60 13.06 -17.47
CA GLY B 346 2.28 12.29 -18.67
C GLY B 346 2.35 13.12 -19.97
N ARG B 347 1.78 12.58 -21.02
CA ARG B 347 1.60 13.30 -22.27
C ARG B 347 0.80 14.61 -22.12
N GLN B 348 1.06 15.52 -23.07
CA GLN B 348 0.25 16.71 -23.22
C GLN B 348 -1.28 16.55 -23.22
N ASP B 349 -1.76 15.50 -23.92
CA ASP B 349 -3.16 15.16 -23.99
C ASP B 349 -3.65 14.56 -22.67
N GLN B 350 -2.73 14.02 -21.86
CA GLN B 350 -3.10 13.57 -20.51
C GLN B 350 -3.23 14.75 -19.60
N ILE B 351 -2.26 15.67 -19.69
CA ILE B 351 -2.36 16.96 -19.04
C ILE B 351 -3.67 17.66 -19.42
N GLN B 352 -4.06 17.59 -20.70
CA GLN B 352 -5.25 18.27 -21.16
C GLN B 352 -6.49 17.71 -20.46
N GLN B 353 -6.40 16.48 -19.99
CA GLN B 353 -7.58 15.81 -19.41
C GLN B 353 -7.74 16.25 -17.96
N VAL B 354 -6.59 16.56 -17.35
CA VAL B 354 -6.52 17.20 -16.05
C VAL B 354 -7.18 18.59 -16.14
N VAL B 355 -6.86 19.33 -17.22
CA VAL B 355 -7.50 20.59 -17.50
C VAL B 355 -9.02 20.45 -17.67
N ASN B 356 -9.43 19.54 -18.57
CA ASN B 356 -10.82 19.41 -18.90
C ASN B 356 -11.68 19.01 -17.73
N HIS B 357 -11.09 18.30 -16.77
CA HIS B 357 -11.83 17.83 -15.63
C HIS B 357 -11.98 18.85 -14.52
N GLY B 358 -11.39 20.02 -14.69
CA GLY B 358 -11.47 21.12 -13.76
C GLY B 358 -10.54 20.97 -12.61
N LEU B 359 -9.46 20.21 -12.82
CA LEU B 359 -8.56 19.83 -11.74
C LEU B 359 -7.52 20.77 -11.42
N VAL B 360 -7.25 21.74 -12.31
CA VAL B 360 -6.13 22.67 -12.02
C VAL B 360 -6.48 23.62 -10.83
N PRO B 361 -7.72 24.16 -10.79
CA PRO B 361 -8.07 24.87 -9.53
C PRO B 361 -7.95 24.04 -8.26
N PHE B 362 -8.23 22.73 -8.32
CA PHE B 362 -7.98 21.87 -7.17
C PHE B 362 -6.51 21.79 -6.84
N LEU B 363 -5.65 21.78 -7.83
CA LEU B 363 -4.20 21.83 -7.55
C LEU B 363 -3.77 23.16 -6.94
N VAL B 364 -4.35 24.25 -7.42
CA VAL B 364 -4.16 25.55 -6.78
C VAL B 364 -4.58 25.52 -5.31
N GLY B 365 -5.78 24.98 -5.03
CA GLY B 365 -6.25 24.89 -3.69
C GLY B 365 -5.29 24.14 -2.77
N VAL B 366 -4.84 22.95 -3.17
CA VAL B 366 -3.87 22.12 -2.36
C VAL B 366 -2.52 22.82 -2.13
N LEU B 367 -2.00 23.46 -3.18
CA LEU B 367 -0.79 24.26 -3.06
C LEU B 367 -0.98 25.43 -2.07
N SER B 368 -2.17 26.07 -2.10
CA SER B 368 -2.53 27.11 -1.13
C SER B 368 -2.65 26.69 0.34
N LYS B 369 -3.34 25.57 0.57
CA LYS B 369 -3.67 25.13 1.89
C LYS B 369 -3.83 23.62 1.96
N ALA B 370 -2.97 22.98 2.75
CA ALA B 370 -2.86 21.54 2.84
C ALA B 370 -1.80 21.25 3.90
N ASP B 371 -1.78 20.03 4.42
CA ASP B 371 -0.62 19.71 5.22
C ASP B 371 0.65 19.81 4.33
N PHE B 372 1.77 20.22 4.91
CA PHE B 372 3.00 20.44 4.18
C PHE B 372 3.38 19.32 3.19
N LYS B 373 3.27 18.08 3.60
CA LYS B 373 3.56 16.95 2.70
C LYS B 373 2.68 16.87 1.47
N THR B 374 1.38 17.20 1.60
CA THR B 374 0.50 17.35 0.46
C THR B 374 0.95 18.53 -0.44
N GLN B 375 1.30 19.69 0.13
CA GLN B 375 1.83 20.86 -0.64
C GLN B 375 3.05 20.47 -1.47
N LYS B 376 3.92 19.67 -0.85
CA LYS B 376 5.13 19.15 -1.53
C LYS B 376 4.81 18.34 -2.80
N GLU B 377 3.80 17.48 -2.70
CA GLU B 377 3.28 16.70 -3.84
C GLU B 377 2.64 17.60 -4.88
N ALA B 378 1.98 18.65 -4.40
CA ALA B 378 1.38 19.63 -5.29
C ALA B 378 2.48 20.38 -6.08
N ALA B 379 3.48 20.84 -5.36
CA ALA B 379 4.65 21.48 -6.00
C ALA B 379 5.19 20.58 -7.10
N TRP B 380 5.40 19.31 -6.81
CA TRP B 380 5.70 18.34 -7.89
C TRP B 380 4.74 18.27 -9.04
N ALA B 381 3.44 18.18 -8.76
CA ALA B 381 2.44 18.13 -9.83
C ALA B 381 2.59 19.34 -10.77
N ILE B 382 2.89 20.53 -10.19
CA ILE B 382 3.10 21.77 -10.95
C ILE B 382 4.40 21.77 -11.77
N THR B 383 5.50 21.38 -11.12
CA THR B 383 6.76 21.20 -11.82
C THR B 383 6.61 20.23 -12.94
N ASN B 384 5.86 19.15 -12.75
CA ASN B 384 5.75 18.21 -13.86
C ASN B 384 4.94 18.82 -15.00
N TYR B 385 3.83 19.45 -14.65
CA TYR B 385 2.87 19.95 -15.61
C TYR B 385 3.53 21.03 -16.49
N THR B 386 4.32 21.90 -15.82
CA THR B 386 5.00 23.00 -16.50
C THR B 386 6.15 22.54 -17.38
N SER B 387 6.72 21.40 -17.02
CA SER B 387 7.77 20.80 -17.83
C SER B 387 7.23 20.03 -19.07
N GLY B 388 6.05 19.42 -19.03
CA GLY B 388 5.52 18.69 -20.21
C GLY B 388 4.37 19.40 -20.93
N GLY B 389 3.80 20.46 -20.29
CA GLY B 389 2.67 21.19 -20.90
C GLY B 389 2.93 22.02 -22.17
N THR B 390 1.91 22.16 -23.03
CA THR B 390 1.92 23.23 -24.05
C THR B 390 1.98 24.57 -23.37
N VAL B 391 2.44 25.58 -24.09
CA VAL B 391 2.44 26.97 -23.60
C VAL B 391 1.02 27.44 -23.18
N GLU B 392 0.04 27.07 -23.97
CA GLU B 392 -1.33 27.34 -23.64
C GLU B 392 -1.82 26.69 -22.31
N GLN B 393 -1.45 25.44 -22.09
CA GLN B 393 -1.62 24.81 -20.76
C GLN B 393 -0.96 25.56 -19.63
N ILE B 394 0.27 25.98 -19.83
CA ILE B 394 0.98 26.74 -18.81
C ILE B 394 0.37 28.14 -18.56
N VAL B 395 -0.08 28.84 -19.62
CA VAL B 395 -0.78 30.12 -19.49
C VAL B 395 -2.05 29.94 -18.63
N TYR B 396 -2.86 28.94 -19.00
CA TYR B 396 -3.99 28.47 -18.24
C TYR B 396 -3.69 28.22 -16.75
N LEU B 397 -2.62 27.48 -16.50
CA LEU B 397 -2.22 27.28 -15.11
C LEU B 397 -2.02 28.61 -14.34
N VAL B 398 -1.43 29.59 -15.03
CA VAL B 398 -1.18 30.91 -14.41
C VAL B 398 -2.47 31.70 -14.22
N HIS B 399 -3.36 31.66 -15.20
CA HIS B 399 -4.67 32.23 -15.04
C HIS B 399 -5.50 31.66 -13.86
N CYS B 400 -5.33 30.39 -13.52
CA CYS B 400 -5.99 29.82 -12.35
C CYS B 400 -5.43 30.30 -11.00
N GLY B 401 -4.27 30.96 -10.98
CA GLY B 401 -3.75 31.45 -9.72
C GLY B 401 -2.56 30.73 -9.14
N ILE B 402 -1.81 29.99 -9.96
CA ILE B 402 -0.66 29.23 -9.43
C ILE B 402 0.49 30.06 -8.78
N ILE B 403 0.73 31.26 -9.30
CA ILE B 403 1.96 32.04 -8.95
C ILE B 403 2.03 32.35 -7.47
N GLU B 404 0.99 32.98 -6.97
CA GLU B 404 1.09 33.42 -5.59
C GLU B 404 1.27 32.22 -4.59
N PRO B 405 0.38 31.19 -4.60
CA PRO B 405 0.72 30.07 -3.71
C PRO B 405 2.11 29.39 -3.96
N LEU B 406 2.62 29.36 -5.18
CA LEU B 406 3.98 28.86 -5.46
C LEU B 406 5.05 29.67 -4.74
N MET B 407 4.91 31.00 -4.74
CA MET B 407 5.84 31.89 -4.03
C MET B 407 5.77 31.74 -2.52
N ASN B 408 4.56 31.62 -1.96
CA ASN B 408 4.42 31.49 -0.52
C ASN B 408 5.23 30.31 0.01
N LEU B 409 5.35 29.29 -0.83
CA LEU B 409 6.04 28.08 -0.48
C LEU B 409 7.57 28.20 -0.47
N LEU B 410 8.10 29.17 -1.21
CA LEU B 410 9.54 29.44 -1.16
C LEU B 410 10.06 29.78 0.25
N SER B 411 9.17 30.03 1.21
CA SER B 411 9.54 30.19 2.62
C SER B 411 9.71 28.86 3.37
N ALA B 412 9.53 27.74 2.70
CA ALA B 412 9.61 26.46 3.38
C ALA B 412 11.08 26.04 3.65
N LYS B 413 11.32 25.51 4.85
CA LYS B 413 12.65 24.95 5.19
C LYS B 413 12.61 23.50 4.71
N ASP B 414 12.94 23.30 3.44
CA ASP B 414 12.91 21.99 2.83
C ASP B 414 13.59 22.03 1.46
N THR B 415 14.92 22.04 1.47
CA THR B 415 15.72 22.14 0.26
C THR B 415 15.01 21.63 -1.00
N LYS B 416 14.42 20.45 -0.92
CA LYS B 416 13.84 19.80 -2.11
C LYS B 416 12.62 20.55 -2.69
N ILE B 417 11.71 21.03 -1.85
CA ILE B 417 10.54 21.75 -2.38
C ILE B 417 10.95 23.00 -3.17
N ILE B 418 11.92 23.73 -2.61
CA ILE B 418 12.54 24.94 -3.22
C ILE B 418 13.09 24.67 -4.65
N GLN B 419 13.86 23.60 -4.78
CA GLN B 419 14.34 23.17 -6.08
C GLN B 419 13.19 22.91 -7.04
N VAL B 420 12.21 22.12 -6.57
CA VAL B 420 11.03 21.82 -7.36
C VAL B 420 10.29 23.13 -7.78
N ILE B 421 10.15 24.08 -6.86
CA ILE B 421 9.44 25.32 -7.20
C ILE B 421 10.21 26.22 -8.19
N LEU B 422 11.53 26.40 -7.96
CA LEU B 422 12.39 27.22 -8.85
C LEU B 422 12.41 26.67 -10.26
N ASP B 423 12.40 25.35 -10.34
CA ASP B 423 12.21 24.66 -11.57
C ASP B 423 10.90 25.02 -12.29
N ALA B 424 9.82 25.18 -11.51
CA ALA B 424 8.53 25.47 -12.08
C ALA B 424 8.52 26.91 -12.54
N ILE B 425 9.01 27.83 -11.69
CA ILE B 425 9.24 29.23 -12.13
C ILE B 425 9.97 29.29 -13.48
N SER B 426 11.15 28.66 -13.54
CA SER B 426 11.93 28.64 -14.75
C SER B 426 11.10 28.12 -15.90
N ASN B 427 10.40 26.99 -15.72
CA ASN B 427 9.54 26.45 -16.79
C ASN B 427 8.48 27.42 -17.28
N ILE B 428 7.99 28.25 -16.36
CA ILE B 428 6.86 29.15 -16.66
C ILE B 428 7.39 30.36 -17.40
N PHE B 429 8.54 30.88 -16.93
CA PHE B 429 9.33 31.88 -17.67
C PHE B 429 9.63 31.43 -19.07
N GLN B 430 10.12 30.21 -19.21
CA GLN B 430 10.32 29.66 -20.56
C GLN B 430 9.09 29.67 -21.47
N ALA B 431 7.90 29.73 -20.91
CA ALA B 431 6.71 29.74 -21.74
C ALA B 431 6.32 31.18 -21.99
N ALA B 432 6.64 32.05 -21.02
CA ALA B 432 6.42 33.51 -21.08
C ALA B 432 7.32 34.18 -22.12
N GLU B 433 8.61 33.79 -22.13
CA GLU B 433 9.58 34.10 -23.21
C GLU B 433 9.02 33.88 -24.62
N LYS B 434 8.46 32.70 -24.86
CA LYS B 434 7.90 32.37 -26.16
C LYS B 434 6.71 33.24 -26.56
N LEU B 435 6.21 34.04 -25.61
CA LEU B 435 5.06 34.88 -25.91
C LEU B 435 5.38 36.38 -25.68
N GLY B 436 6.62 36.70 -25.28
CA GLY B 436 7.06 38.07 -25.01
C GLY B 436 6.42 38.66 -23.76
N GLU B 437 6.29 37.82 -22.72
CA GLU B 437 5.45 38.12 -21.56
C GLU B 437 6.19 38.00 -20.25
N THR B 438 7.51 37.84 -20.33
CA THR B 438 8.27 37.64 -19.12
C THR B 438 8.11 38.79 -18.12
N GLU B 439 8.05 40.04 -18.65
CA GLU B 439 7.83 41.28 -17.88
C GLU B 439 6.50 41.26 -17.15
N LYS B 440 5.44 40.88 -17.87
CA LYS B 440 4.12 40.68 -17.24
C LYS B 440 4.19 39.64 -16.10
N LEU B 441 4.95 38.56 -16.30
CA LEU B 441 5.21 37.56 -15.24
C LEU B 441 6.07 38.05 -14.06
N SER B 442 7.11 38.82 -14.38
CA SER B 442 8.01 39.39 -13.37
C SER B 442 7.27 40.30 -12.42
N ILE B 443 6.29 41.04 -12.97
CA ILE B 443 5.45 41.94 -12.18
C ILE B 443 4.56 41.19 -11.20
N MET B 444 3.87 40.13 -11.65
CA MET B 444 3.10 39.27 -10.72
C MET B 444 3.96 38.69 -9.61
N ILE B 445 5.11 38.10 -9.97
CA ILE B 445 6.04 37.59 -8.97
C ILE B 445 6.48 38.69 -8.00
N GLU B 446 6.83 39.85 -8.57
CA GLU B 446 7.10 41.08 -7.79
C GLU B 446 5.92 41.45 -6.85
N GLU B 447 4.73 41.68 -7.44
CA GLU B 447 3.52 42.12 -6.70
C GLU B 447 3.09 41.17 -5.54
N CYS B 448 3.24 39.85 -5.72
CA CYS B 448 2.87 38.92 -4.64
C CYS B 448 3.99 38.68 -3.60
N GLY B 449 5.17 39.27 -3.80
CA GLY B 449 6.26 39.17 -2.81
C GLY B 449 7.23 38.03 -3.11
N GLY B 450 7.25 37.62 -4.38
CA GLY B 450 8.04 36.45 -4.82
C GLY B 450 9.50 36.77 -5.06
N LEU B 451 9.75 37.98 -5.56
CA LEU B 451 11.11 38.51 -5.72
C LEU B 451 11.91 38.57 -4.40
N ASP B 452 11.32 39.08 -3.34
CA ASP B 452 11.97 39.02 -2.02
C ASP B 452 12.40 37.61 -1.64
N LYS B 453 11.53 36.63 -1.91
CA LYS B 453 11.84 35.22 -1.64
C LYS B 453 12.92 34.62 -2.57
N ILE B 454 12.93 34.99 -3.85
CA ILE B 454 13.97 34.54 -4.79
C ILE B 454 15.32 35.21 -4.51
N GLU B 455 15.29 36.52 -4.20
CA GLU B 455 16.50 37.31 -3.81
C GLU B 455 17.19 36.73 -2.58
N ALA B 456 16.41 36.47 -1.53
CA ALA B 456 16.88 35.80 -0.31
C ALA B 456 17.52 34.42 -0.55
N LEU B 457 17.24 33.79 -1.69
CA LEU B 457 17.67 32.40 -1.90
C LEU B 457 19.03 32.28 -2.56
N GLN B 458 19.60 33.39 -3.00
CA GLN B 458 20.90 33.39 -3.65
C GLN B 458 22.00 32.96 -2.68
N ARG B 459 21.98 33.54 -1.48
CA ARG B 459 22.97 33.21 -0.47
C ARG B 459 22.55 32.00 0.35
N HIS B 460 21.81 31.10 -0.29
CA HIS B 460 21.33 29.89 0.37
C HIS B 460 22.42 28.82 0.42
N GLU B 461 22.56 28.18 1.58
CA GLU B 461 23.57 27.14 1.78
C GLU B 461 23.22 25.88 0.99
N ASN B 462 22.98 26.04 -0.30
CA ASN B 462 22.78 24.92 -1.22
C ASN B 462 23.12 25.28 -2.64
N GLU B 463 24.03 24.50 -3.23
CA GLU B 463 24.58 24.78 -4.57
C GLU B 463 23.50 24.89 -5.66
N SER B 464 22.42 24.13 -5.50
CA SER B 464 21.42 24.07 -6.57
C SER B 464 20.40 25.22 -6.54
N VAL B 465 20.04 25.60 -5.32
CA VAL B 465 19.17 26.73 -5.01
C VAL B 465 19.81 28.06 -5.41
N TYR B 466 21.02 28.34 -4.90
CA TYR B 466 21.82 29.52 -5.27
C TYR B 466 21.95 29.73 -6.79
N LYS B 467 22.42 28.71 -7.50
CA LYS B 467 22.62 28.80 -8.96
C LYS B 467 21.34 29.19 -9.69
N ALA B 468 20.27 28.39 -9.51
CA ALA B 468 18.98 28.62 -10.18
C ALA B 468 18.25 29.90 -9.77
N SER B 469 18.45 30.36 -8.52
CA SER B 469 17.82 31.60 -8.06
C SER B 469 18.57 32.88 -8.44
N LEU B 470 19.91 32.81 -8.48
CA LEU B 470 20.76 33.87 -9.11
C LEU B 470 20.49 33.89 -10.61
N ASN B 471 20.54 32.73 -11.26
CA ASN B 471 20.12 32.62 -12.66
C ASN B 471 18.76 33.26 -13.00
N LEU B 472 17.78 33.16 -12.08
CA LEU B 472 16.44 33.73 -12.34
C LEU B 472 16.48 35.23 -12.29
N ILE B 473 17.14 35.78 -11.26
CA ILE B 473 17.38 37.23 -11.23
C ILE B 473 18.22 37.75 -12.44
N GLU B 474 19.38 37.11 -12.70
CA GLU B 474 20.23 37.43 -13.88
C GLU B 474 19.33 37.62 -15.12
N LYS B 475 18.56 36.59 -15.45
CA LYS B 475 17.65 36.57 -16.62
C LYS B 475 16.38 37.50 -16.52
N TYR B 476 15.87 37.76 -15.31
CA TYR B 476 14.50 38.31 -15.21
C TYR B 476 14.27 39.44 -14.21
N PHE B 477 15.26 39.77 -13.39
CA PHE B 477 15.04 40.79 -12.34
C PHE B 477 16.24 41.72 -12.14
#